data_8PPS
#
_entry.id   8PPS
#
_cell.length_a   64.400
_cell.length_b   65.720
_cell.length_c   172.250
_cell.angle_alpha   90.000
_cell.angle_beta   90.000
_cell.angle_gamma   90.000
#
_symmetry.space_group_name_H-M   'P 21 21 21'
#
loop_
_entity.id
_entity.type
_entity.pdbx_description
1 polymer 'EAL domain-containing protein'
2 non-polymer GLYCEROL
3 non-polymer 1,2-ETHANEDIOL
4 non-polymer BETA-MERCAPTOETHANOL
5 non-polymer 'MAGNESIUM ION'
6 water water
#
_entity_poly.entity_id   1
_entity_poly.type   'polypeptide(L)'
_entity_poly.pdbx_seq_one_letter_code
;MGSSHHHHHHSSGLVPRGSHMTWVQRIHLALEEDRFSLYAQPIVPLGEGAEEGLHVELLLRLRDEGGRLVPPLSFIPAAE
RYGLMTLIDRWVVENAFRTLVERAQDPRAEPIGTCAINLSGATIGDESFLQFLTELFARYRIPPQTICFEVTETVAVANL
ASAIRFINELKDTGCRFSLDDFCAGMSSFIYLKHLPVDYLKIDGSFVKDMLEDPIDRAMVQVINHIGHVMGKRTIAEFVE
TVEVMEALREIGIDYAQGLAIGAPLPFSR
;
_entity_poly.pdbx_strand_id   A,B
#
loop_
_chem_comp.id
_chem_comp.type
_chem_comp.name
_chem_comp.formula
BME non-polymer BETA-MERCAPTOETHANOL 'C2 H6 O S'
EDO non-polymer 1,2-ETHANEDIOL 'C2 H6 O2'
GOL non-polymer GLYCEROL 'C3 H8 O3'
MG non-polymer 'MAGNESIUM ION' 'Mg 2'
#
# COMPACT_ATOMS: atom_id res chain seq x y z
N GLY A 18 -9.19 -31.96 8.43
CA GLY A 18 -10.34 -32.71 8.98
C GLY A 18 -11.70 -32.05 8.68
N SER A 19 -12.80 -32.70 9.13
CA SER A 19 -14.15 -32.23 8.85
C SER A 19 -14.58 -31.13 9.83
N HIS A 20 -15.76 -30.55 9.52
CA HIS A 20 -16.38 -29.57 10.39
C HIS A 20 -16.54 -30.15 11.78
N MET A 21 -17.16 -31.33 11.84
CA MET A 21 -17.49 -31.98 13.11
C MET A 21 -16.20 -32.24 13.89
N THR A 22 -15.17 -32.74 13.17
CA THR A 22 -13.91 -33.08 13.80
C THR A 22 -13.39 -31.82 14.49
N TRP A 23 -13.37 -30.67 13.80
CA TRP A 23 -12.76 -29.48 14.35
C TRP A 23 -13.60 -28.88 15.47
N VAL A 24 -14.93 -29.01 15.38
CA VAL A 24 -15.75 -28.54 16.49
C VAL A 24 -15.42 -29.33 17.75
N GLN A 25 -15.37 -30.66 17.67
CA GLN A 25 -14.98 -31.51 18.79
C GLN A 25 -13.61 -31.12 19.34
N ARG A 26 -12.62 -30.96 18.47
CA ARG A 26 -11.26 -30.70 18.91
C ARG A 26 -11.19 -29.42 19.72
N ILE A 27 -11.86 -28.35 19.24
CA ILE A 27 -11.77 -27.07 19.92
C ILE A 27 -12.51 -27.16 21.24
N HIS A 28 -13.70 -27.75 21.23
CA HIS A 28 -14.46 -28.01 22.44
C HIS A 28 -13.66 -28.84 23.45
N LEU A 29 -12.98 -29.89 22.98
CA LEU A 29 -12.25 -30.77 23.89
C LEU A 29 -11.07 -30.02 24.51
N ALA A 30 -10.36 -29.23 23.70
CA ALA A 30 -9.22 -28.49 24.23
C ALA A 30 -9.67 -27.47 25.28
N LEU A 31 -10.83 -26.83 25.04
CA LEU A 31 -11.40 -25.96 26.05
C LEU A 31 -11.74 -26.74 27.32
N GLU A 32 -12.32 -27.94 27.14
CA GLU A 32 -12.86 -28.74 28.23
C GLU A 32 -11.71 -29.23 29.13
N GLU A 33 -10.57 -29.59 28.51
CA GLU A 33 -9.47 -30.20 29.25
C GLU A 33 -8.46 -29.13 29.67
N ASP A 34 -8.80 -27.84 29.51
CA ASP A 34 -7.91 -26.75 29.93
C ASP A 34 -6.56 -26.82 29.22
N ARG A 35 -6.55 -27.07 27.91
CA ARG A 35 -5.27 -27.25 27.24
C ARG A 35 -4.81 -25.99 26.52
N PHE A 36 -5.62 -24.93 26.62
CA PHE A 36 -5.26 -23.60 26.19
C PHE A 36 -4.70 -22.87 27.41
N SER A 37 -3.70 -22.02 27.20
CA SER A 37 -3.10 -21.22 28.25
C SER A 37 -2.59 -19.89 27.69
N LEU A 38 -2.45 -18.90 28.57
CA LEU A 38 -2.03 -17.56 28.20
C LEU A 38 -0.65 -17.30 28.79
N TYR A 39 0.21 -16.72 27.97
CA TYR A 39 1.50 -16.21 28.38
C TYR A 39 1.47 -14.71 28.15
N ALA A 40 2.34 -13.99 28.84
CA ALA A 40 2.39 -12.54 28.72
C ALA A 40 3.79 -12.15 28.28
N GLN A 41 3.90 -11.51 27.11
CA GLN A 41 5.19 -11.02 26.68
C GLN A 41 5.34 -9.53 26.97
N PRO A 42 6.41 -9.11 27.64
CA PRO A 42 6.62 -7.69 27.94
C PRO A 42 6.98 -6.85 26.73
N ILE A 43 6.51 -5.62 26.78
CA ILE A 43 6.70 -4.61 25.78
C ILE A 43 7.31 -3.40 26.47
N VAL A 44 8.53 -3.05 26.08
CA VAL A 44 9.32 -2.07 26.82
C VAL A 44 9.23 -0.73 26.11
N PRO A 45 9.10 0.40 26.82
CA PRO A 45 9.22 1.72 26.23
C PRO A 45 10.65 1.94 25.72
N LEU A 46 10.76 2.72 24.63
CA LEU A 46 12.07 3.04 24.07
C LEU A 46 12.42 4.50 24.35
N GLY A 47 11.40 5.35 24.60
CA GLY A 47 11.64 6.76 24.93
C GLY A 47 11.30 7.07 26.38
N GLU A 48 11.50 8.33 26.79
CA GLU A 48 10.99 8.85 28.04
C GLU A 48 9.56 9.40 27.83
N GLU A 51 6.55 7.85 32.17
CA GLU A 51 6.71 6.41 32.51
C GLU A 51 5.36 5.85 32.93
N GLU A 52 4.89 4.77 32.28
CA GLU A 52 3.60 4.14 32.57
C GLU A 52 3.87 2.78 33.22
N GLY A 53 2.80 2.06 33.58
CA GLY A 53 2.93 0.72 34.16
C GLY A 53 3.37 -0.33 33.14
N LEU A 54 3.48 -1.60 33.57
CA LEU A 54 3.92 -2.71 32.73
C LEU A 54 2.97 -2.90 31.53
N HIS A 55 3.57 -2.99 30.33
CA HIS A 55 2.87 -3.23 29.06
C HIS A 55 3.11 -4.69 28.66
N VAL A 56 2.05 -5.46 28.40
CA VAL A 56 2.27 -6.82 27.93
C VAL A 56 1.30 -7.11 26.79
N GLU A 57 1.69 -8.14 26.04
CA GLU A 57 0.82 -8.73 25.06
C GLU A 57 0.58 -10.17 25.46
N LEU A 58 -0.68 -10.58 25.48
CA LEU A 58 -1.04 -11.94 25.80
C LEU A 58 -0.91 -12.80 24.56
N LEU A 59 -0.34 -13.99 24.74
CA LEU A 59 -0.06 -14.93 23.68
C LEU A 59 -0.75 -16.23 24.04
N LEU A 60 -1.44 -16.82 23.06
CA LEU A 60 -2.16 -18.04 23.27
C LEU A 60 -1.24 -19.22 23.02
N ARG A 61 -1.34 -20.25 23.87
N ARG A 61 -1.33 -20.25 23.87
CA ARG A 61 -0.63 -21.50 23.66
CA ARG A 61 -0.65 -21.49 23.58
C ARG A 61 -1.64 -22.65 23.73
C ARG A 61 -1.63 -22.65 23.72
N LEU A 62 -1.54 -23.61 22.82
CA LEU A 62 -2.32 -24.84 22.89
C LEU A 62 -1.39 -26.04 22.98
N ARG A 63 -1.65 -26.91 23.95
CA ARG A 63 -1.03 -28.22 24.02
C ARG A 63 -2.05 -29.27 23.63
N ASP A 64 -1.59 -30.29 22.88
CA ASP A 64 -2.41 -31.41 22.45
C ASP A 64 -2.53 -32.43 23.57
N GLU A 65 -3.28 -33.52 23.31
CA GLU A 65 -3.63 -34.50 24.32
C GLU A 65 -2.38 -35.20 24.89
N GLY A 66 -1.29 -35.25 24.13
CA GLY A 66 -0.06 -35.85 24.62
C GLY A 66 0.95 -34.83 25.12
N GLY A 67 0.51 -33.57 25.33
CA GLY A 67 1.29 -32.55 26.02
C GLY A 67 2.19 -31.71 25.10
N ARG A 68 2.15 -31.92 23.78
CA ARG A 68 3.05 -31.19 22.88
C ARG A 68 2.37 -29.91 22.41
N LEU A 69 3.17 -28.86 22.30
CA LEU A 69 2.82 -27.59 21.70
C LEU A 69 2.21 -27.82 20.32
N VAL A 70 1.07 -27.15 20.05
CA VAL A 70 0.49 -27.10 18.72
C VAL A 70 0.79 -25.72 18.16
N PRO A 71 1.58 -25.63 17.07
CA PRO A 71 1.85 -24.34 16.47
C PRO A 71 0.57 -23.71 15.90
N PRO A 72 0.46 -22.37 15.91
CA PRO A 72 -0.74 -21.70 15.40
C PRO A 72 -1.20 -22.25 14.06
N LEU A 73 -0.28 -22.47 13.13
CA LEU A 73 -0.66 -22.84 11.76
C LEU A 73 -1.27 -24.24 11.72
N SER A 74 -1.13 -25.03 12.80
CA SER A 74 -1.75 -26.35 12.84
C SER A 74 -3.15 -26.32 13.47
N PHE A 75 -3.67 -25.16 13.93
CA PHE A 75 -5.06 -25.14 14.35
C PHE A 75 -5.83 -23.88 13.97
N ILE A 76 -5.20 -22.70 13.96
CA ILE A 76 -5.95 -21.49 13.71
C ILE A 76 -6.60 -21.52 12.31
N PRO A 77 -5.89 -21.81 11.21
CA PRO A 77 -6.57 -21.91 9.90
C PRO A 77 -7.82 -22.77 9.84
N ALA A 78 -7.84 -23.92 10.54
CA ALA A 78 -9.01 -24.78 10.50
C ALA A 78 -10.12 -24.18 11.35
N ALA A 79 -9.73 -23.65 12.49
CA ALA A 79 -10.70 -23.09 13.39
C ALA A 79 -11.41 -21.91 12.71
N GLU A 80 -10.63 -21.04 12.04
CA GLU A 80 -11.20 -19.85 11.46
C GLU A 80 -12.12 -20.21 10.29
N ARG A 81 -11.89 -21.31 9.56
CA ARG A 81 -12.75 -21.72 8.47
C ARG A 81 -14.15 -22.06 8.96
N TYR A 82 -14.27 -22.55 10.19
CA TYR A 82 -15.53 -22.97 10.78
C TYR A 82 -16.06 -21.98 11.82
N GLY A 83 -15.47 -20.78 11.85
CA GLY A 83 -15.94 -19.73 12.76
C GLY A 83 -15.73 -20.06 14.24
N LEU A 84 -14.77 -20.92 14.59
CA LEU A 84 -14.58 -21.32 15.97
C LEU A 84 -13.70 -20.34 16.75
N MET A 85 -13.19 -19.30 16.08
CA MET A 85 -12.25 -18.40 16.71
C MET A 85 -13.04 -17.48 17.65
N THR A 86 -14.32 -17.26 17.44
CA THR A 86 -15.19 -16.62 18.44
C THR A 86 -15.11 -17.32 19.82
N LEU A 87 -15.11 -18.67 19.83
CA LEU A 87 -15.10 -19.45 21.06
C LEU A 87 -13.75 -19.25 21.78
N ILE A 88 -12.69 -19.30 21.01
CA ILE A 88 -11.35 -19.16 21.54
C ILE A 88 -11.15 -17.74 22.06
N ASP A 89 -11.69 -16.74 21.36
CA ASP A 89 -11.50 -15.36 21.81
C ASP A 89 -12.26 -15.14 23.12
N ARG A 90 -13.46 -15.74 23.24
CA ARG A 90 -14.28 -15.58 24.44
C ARG A 90 -13.55 -16.19 25.62
N TRP A 91 -12.97 -17.38 25.44
CA TRP A 91 -12.15 -17.99 26.48
C TRP A 91 -10.97 -17.09 26.82
N VAL A 92 -10.29 -16.53 25.82
CA VAL A 92 -9.13 -15.69 26.05
C VAL A 92 -9.50 -14.50 26.94
N VAL A 93 -10.58 -13.83 26.64
CA VAL A 93 -10.89 -12.56 27.29
C VAL A 93 -11.31 -12.82 28.74
N GLU A 94 -12.15 -13.84 28.93
CA GLU A 94 -12.60 -14.22 30.25
C GLU A 94 -11.40 -14.56 31.12
N ASN A 95 -10.54 -15.46 30.62
CA ASN A 95 -9.42 -15.91 31.42
C ASN A 95 -8.41 -14.78 31.63
N ALA A 96 -8.28 -13.87 30.66
CA ALA A 96 -7.38 -12.74 30.83
C ALA A 96 -7.84 -11.85 31.97
N PHE A 97 -9.15 -11.56 31.97
CA PHE A 97 -9.68 -10.66 32.96
C PHE A 97 -9.55 -11.27 34.35
N ARG A 98 -9.92 -12.57 34.45
CA ARG A 98 -9.85 -13.33 35.69
C ARG A 98 -8.42 -13.30 36.23
N THR A 99 -7.44 -13.48 35.37
CA THR A 99 -6.05 -13.58 35.76
C THR A 99 -5.60 -12.20 36.24
N LEU A 100 -5.99 -11.12 35.57
CA LEU A 100 -5.61 -9.78 36.04
C LEU A 100 -6.10 -9.54 37.47
N VAL A 101 -7.32 -10.02 37.76
CA VAL A 101 -7.89 -9.82 39.06
C VAL A 101 -7.11 -10.63 40.11
N GLU A 102 -6.91 -11.92 39.84
CA GLU A 102 -6.22 -12.80 40.77
C GLU A 102 -4.79 -12.32 40.97
N ARG A 103 -4.17 -11.82 39.89
CA ARG A 103 -2.82 -11.30 39.97
C ARG A 103 -2.77 -10.10 40.92
N ALA A 104 -3.75 -9.19 40.82
CA ALA A 104 -3.72 -7.96 41.59
C ALA A 104 -3.82 -8.24 43.08
N GLN A 105 -4.35 -9.41 43.48
CA GLN A 105 -4.48 -9.83 44.88
C GLN A 105 -3.13 -10.31 45.43
N ASP A 106 -2.09 -10.37 44.60
CA ASP A 106 -0.75 -10.55 45.11
C ASP A 106 -0.12 -9.15 45.13
N PRO A 107 0.15 -8.57 46.33
CA PRO A 107 0.59 -7.17 46.43
C PRO A 107 2.02 -6.93 45.94
N ARG A 108 2.76 -8.03 45.71
CA ARG A 108 4.12 -8.02 45.18
C ARG A 108 4.17 -7.89 43.64
N ALA A 109 3.15 -8.43 42.93
CA ALA A 109 3.08 -8.33 41.47
C ALA A 109 2.86 -6.88 41.04
N GLU A 110 3.60 -6.44 40.00
N GLU A 110 3.58 -6.47 39.98
CA GLU A 110 3.53 -5.06 39.60
CA GLU A 110 3.56 -5.08 39.55
C GLU A 110 2.30 -4.92 38.72
C GLU A 110 2.30 -4.92 38.70
N PRO A 111 1.53 -3.82 38.87
CA PRO A 111 0.36 -3.56 38.03
C PRO A 111 0.64 -3.55 36.53
N ILE A 112 -0.34 -4.09 35.79
CA ILE A 112 -0.33 -4.04 34.34
C ILE A 112 -1.16 -2.83 33.91
N GLY A 113 -0.51 -1.92 33.19
CA GLY A 113 -1.14 -0.70 32.71
C GLY A 113 -1.76 -0.93 31.34
N THR A 114 -1.14 -1.82 30.57
CA THR A 114 -1.62 -2.13 29.25
C THR A 114 -1.51 -3.62 29.01
N CYS A 115 -2.66 -4.25 28.80
CA CYS A 115 -2.75 -5.66 28.50
C CYS A 115 -3.37 -5.80 27.12
N ALA A 116 -2.51 -6.12 26.14
CA ALA A 116 -2.88 -6.26 24.76
C ALA A 116 -3.42 -7.65 24.51
N ILE A 117 -4.61 -7.73 23.89
CA ILE A 117 -5.28 -8.98 23.61
C ILE A 117 -5.67 -8.99 22.13
N ASN A 118 -5.19 -10.03 21.40
CA ASN A 118 -5.51 -10.19 19.99
C ASN A 118 -6.94 -10.69 19.83
N LEU A 119 -7.63 -10.21 18.78
CA LEU A 119 -8.96 -10.69 18.38
C LEU A 119 -9.00 -11.12 16.92
N SER A 120 -9.78 -12.18 16.64
CA SER A 120 -10.00 -12.68 15.30
C SER A 120 -10.96 -11.78 14.52
N GLY A 121 -10.92 -11.94 13.20
CA GLY A 121 -11.89 -11.29 12.32
C GLY A 121 -13.30 -11.76 12.63
N ALA A 122 -13.47 -13.04 12.92
CA ALA A 122 -14.79 -13.55 13.29
C ALA A 122 -15.35 -12.74 14.47
N THR A 123 -14.53 -12.37 15.45
CA THR A 123 -15.02 -11.66 16.62
C THR A 123 -15.43 -10.23 16.24
N ILE A 124 -14.71 -9.61 15.30
CA ILE A 124 -15.06 -8.24 14.99
C ILE A 124 -16.39 -8.20 14.22
N GLY A 125 -16.76 -9.32 13.59
CA GLY A 125 -18.02 -9.44 12.88
C GLY A 125 -19.16 -9.96 13.76
N ASP A 126 -18.91 -10.22 15.05
CA ASP A 126 -19.91 -10.78 15.95
C ASP A 126 -20.58 -9.66 16.76
N GLU A 127 -21.87 -9.42 16.51
CA GLU A 127 -22.56 -8.31 17.17
C GLU A 127 -22.87 -8.65 18.64
N SER A 128 -22.77 -9.93 19.04
CA SER A 128 -22.99 -10.26 20.44
C SER A 128 -21.73 -10.01 21.29
N PHE A 129 -20.57 -9.70 20.67
CA PHE A 129 -19.34 -9.58 21.43
C PHE A 129 -19.34 -8.40 22.39
N LEU A 130 -19.88 -7.25 21.97
CA LEU A 130 -19.84 -6.07 22.83
C LEU A 130 -20.54 -6.36 24.16
N GLN A 131 -21.64 -7.15 24.11
CA GLN A 131 -22.42 -7.38 25.30
C GLN A 131 -21.65 -8.33 26.21
N PHE A 132 -21.04 -9.35 25.63
CA PHE A 132 -20.24 -10.28 26.39
C PHE A 132 -19.10 -9.55 27.11
N LEU A 133 -18.50 -8.57 26.46
CA LEU A 133 -17.35 -7.86 26.98
C LEU A 133 -17.76 -6.92 28.10
N THR A 134 -18.84 -6.18 27.86
CA THR A 134 -19.45 -5.26 28.83
C THR A 134 -19.68 -5.96 30.16
N GLU A 135 -20.15 -7.21 30.11
CA GLU A 135 -20.51 -8.00 31.29
C GLU A 135 -19.24 -8.45 32.02
N LEU A 136 -18.20 -8.80 31.26
CA LEU A 136 -16.93 -9.20 31.83
C LEU A 136 -16.27 -8.02 32.54
N PHE A 137 -16.37 -6.82 31.95
CA PHE A 137 -15.86 -5.62 32.59
C PHE A 137 -16.56 -5.37 33.92
N ALA A 138 -17.90 -5.52 33.91
CA ALA A 138 -18.67 -5.26 35.11
C ALA A 138 -18.25 -6.29 36.16
N ARG A 139 -18.19 -7.58 35.77
CA ARG A 139 -18.00 -8.67 36.71
C ARG A 139 -16.57 -8.66 37.27
N TYR A 140 -15.54 -8.41 36.42
CA TYR A 140 -14.17 -8.44 36.91
C TYR A 140 -13.71 -7.05 37.34
N ARG A 141 -14.55 -6.02 37.16
CA ARG A 141 -14.28 -4.67 37.67
C ARG A 141 -12.97 -4.15 37.09
N ILE A 142 -12.68 -4.52 35.83
CA ILE A 142 -11.47 -4.11 35.16
C ILE A 142 -11.66 -2.69 34.64
N PRO A 143 -10.68 -1.77 34.80
CA PRO A 143 -10.78 -0.44 34.17
C PRO A 143 -10.54 -0.60 32.68
N PRO A 144 -11.53 -0.34 31.80
CA PRO A 144 -11.41 -0.65 30.38
C PRO A 144 -10.14 -0.11 29.73
N GLN A 145 -9.68 1.03 30.23
CA GLN A 145 -8.51 1.74 29.75
C GLN A 145 -7.25 0.86 29.84
N THR A 146 -7.26 -0.19 30.69
CA THR A 146 -6.08 -1.04 30.85
C THR A 146 -5.99 -2.09 29.73
N ILE A 147 -7.09 -2.29 28.99
CA ILE A 147 -7.13 -3.29 27.96
C ILE A 147 -6.91 -2.62 26.60
N CYS A 148 -6.05 -3.26 25.79
CA CYS A 148 -5.82 -2.85 24.42
C CYS A 148 -6.09 -4.06 23.53
N PHE A 149 -7.20 -4.01 22.80
CA PHE A 149 -7.51 -5.05 21.83
C PHE A 149 -6.75 -4.86 20.52
N GLU A 150 -6.37 -5.98 19.88
CA GLU A 150 -5.41 -5.95 18.79
C GLU A 150 -5.93 -6.84 17.65
N VAL A 151 -5.94 -6.28 16.44
CA VAL A 151 -6.34 -6.96 15.23
C VAL A 151 -5.25 -6.70 14.18
N THR A 152 -4.95 -7.65 13.32
CA THR A 152 -4.01 -7.42 12.21
C THR A 152 -4.57 -6.39 11.24
N GLU A 153 -3.68 -5.62 10.63
CA GLU A 153 -4.07 -4.67 9.59
C GLU A 153 -4.88 -5.39 8.53
N THR A 154 -4.38 -6.55 8.13
CA THR A 154 -4.99 -7.28 7.04
C THR A 154 -6.45 -7.54 7.37
N VAL A 155 -6.71 -8.05 8.56
CA VAL A 155 -8.06 -8.45 8.95
C VAL A 155 -8.98 -7.24 9.07
N ALA A 156 -8.43 -6.13 9.57
CA ALA A 156 -9.20 -4.90 9.75
C ALA A 156 -9.62 -4.34 8.39
N VAL A 157 -8.67 -4.34 7.45
CA VAL A 157 -8.88 -3.78 6.12
C VAL A 157 -9.78 -4.72 5.29
N ALA A 158 -9.64 -6.02 5.42
CA ALA A 158 -10.51 -6.91 4.70
C ALA A 158 -11.97 -6.85 5.20
N ASN A 159 -12.23 -6.25 6.36
CA ASN A 159 -13.55 -6.29 6.99
C ASN A 159 -13.82 -4.94 7.63
N LEU A 160 -13.64 -3.91 6.80
CA LEU A 160 -13.49 -2.55 7.25
C LEU A 160 -14.76 -2.02 7.89
N ALA A 161 -15.91 -2.22 7.23
CA ALA A 161 -17.17 -1.76 7.80
C ALA A 161 -17.33 -2.33 9.22
N SER A 162 -16.97 -3.62 9.39
CA SER A 162 -17.08 -4.26 10.68
C SER A 162 -16.08 -3.63 11.64
N ALA A 163 -14.82 -3.44 11.19
CA ALA A 163 -13.78 -2.97 12.11
C ALA A 163 -14.06 -1.55 12.62
N ILE A 164 -14.52 -0.67 11.75
CA ILE A 164 -14.83 0.70 12.15
C ILE A 164 -15.88 0.68 13.26
N ARG A 165 -16.96 -0.07 13.04
CA ARG A 165 -18.04 -0.09 14.01
C ARG A 165 -17.55 -0.79 15.28
N PHE A 166 -16.82 -1.88 15.12
CA PHE A 166 -16.29 -2.58 16.28
C PHE A 166 -15.42 -1.67 17.13
N ILE A 167 -14.48 -0.97 16.49
CA ILE A 167 -13.51 -0.21 17.23
C ILE A 167 -14.19 0.95 17.92
N ASN A 168 -15.18 1.56 17.28
CA ASN A 168 -15.87 2.69 17.87
C ASN A 168 -16.73 2.28 19.05
N GLU A 169 -17.38 1.11 19.00
CA GLU A 169 -18.18 0.63 20.12
C GLU A 169 -17.28 0.39 21.34
N LEU A 170 -16.21 -0.39 21.15
CA LEU A 170 -15.24 -0.68 22.20
C LEU A 170 -14.54 0.57 22.73
N LYS A 171 -14.27 1.55 21.86
CA LYS A 171 -13.62 2.76 22.33
C LYS A 171 -14.58 3.55 23.22
N ASP A 172 -15.89 3.46 22.97
CA ASP A 172 -16.86 4.12 23.82
C ASP A 172 -16.88 3.45 25.20
N THR A 173 -16.53 2.16 25.26
CA THR A 173 -16.33 1.46 26.54
C THR A 173 -15.12 2.03 27.29
N GLY A 174 -14.12 2.59 26.59
CA GLY A 174 -12.98 3.24 27.25
C GLY A 174 -11.65 2.52 26.98
N CYS A 175 -11.68 1.40 26.28
CA CYS A 175 -10.45 0.66 26.06
C CYS A 175 -9.73 1.12 24.80
N ARG A 176 -8.50 0.62 24.62
CA ARG A 176 -7.61 1.11 23.58
C ARG A 176 -7.54 0.05 22.49
N PHE A 177 -6.83 0.38 21.40
CA PHE A 177 -6.84 -0.49 20.25
C PHE A 177 -5.52 -0.40 19.48
N SER A 178 -5.14 -1.54 18.88
CA SER A 178 -3.88 -1.72 18.19
C SER A 178 -4.12 -2.48 16.89
N LEU A 179 -3.35 -2.14 15.85
CA LEU A 179 -3.21 -2.92 14.62
C LEU A 179 -1.82 -3.55 14.60
N ASP A 180 -1.73 -4.88 14.56
CA ASP A 180 -0.44 -5.55 14.47
C ASP A 180 -0.24 -6.02 13.04
N ASP A 181 0.91 -6.66 12.79
CA ASP A 181 1.32 -7.00 11.44
C ASP A 181 1.11 -5.78 10.55
N PHE A 182 1.47 -4.62 11.08
CA PHE A 182 1.18 -3.37 10.41
C PHE A 182 2.13 -3.22 9.24
N CYS A 183 1.52 -2.85 8.09
CA CYS A 183 2.19 -2.58 6.85
C CYS A 183 2.59 -3.89 6.17
N ALA A 184 2.04 -5.05 6.61
CA ALA A 184 2.45 -6.31 5.98
C ALA A 184 2.12 -6.32 4.49
N GLY A 185 1.00 -5.69 4.09
CA GLY A 185 0.64 -5.63 2.68
C GLY A 185 1.16 -4.42 1.88
N MET A 186 2.07 -3.64 2.50
CA MET A 186 2.71 -2.44 1.96
C MET A 186 1.72 -1.61 1.13
N SER A 187 0.58 -1.34 1.73
CA SER A 187 -0.55 -0.72 1.06
C SER A 187 -0.75 0.74 1.51
N SER A 188 -1.66 1.44 0.86
CA SER A 188 -2.11 2.75 1.31
C SER A 188 -2.58 2.67 2.76
N PHE A 189 -2.31 3.73 3.54
CA PHE A 189 -2.83 3.88 4.91
C PHE A 189 -3.98 4.90 5.02
N ILE A 190 -4.57 5.31 3.91
CA ILE A 190 -5.68 6.25 3.92
C ILE A 190 -6.81 5.73 4.81
N TYR A 191 -7.13 4.42 4.76
CA TYR A 191 -8.25 3.86 5.48
C TYR A 191 -8.20 4.26 6.97
N LEU A 192 -6.98 4.46 7.46
CA LEU A 192 -6.64 4.72 8.84
C LEU A 192 -7.38 5.93 9.41
N LYS A 193 -7.73 6.89 8.55
CA LYS A 193 -8.54 8.04 8.95
C LYS A 193 -9.84 7.60 9.61
N HIS A 194 -10.31 6.37 9.33
CA HIS A 194 -11.59 5.89 9.84
C HIS A 194 -11.47 4.95 11.05
N LEU A 195 -10.26 4.43 11.33
CA LEU A 195 -10.07 3.59 12.50
C LEU A 195 -9.30 4.38 13.53
N PRO A 196 -9.93 4.85 14.62
CA PRO A 196 -9.20 5.57 15.65
C PRO A 196 -8.40 4.65 16.56
N VAL A 197 -7.45 3.90 16.01
CA VAL A 197 -6.63 3.04 16.85
C VAL A 197 -5.53 3.87 17.51
N ASP A 198 -4.97 3.31 18.58
CA ASP A 198 -3.98 3.98 19.41
C ASP A 198 -2.55 3.58 19.03
N TYR A 199 -2.37 2.33 18.57
CA TYR A 199 -1.02 1.82 18.34
C TYR A 199 -0.94 1.14 16.97
N LEU A 200 0.21 1.31 16.30
CA LEU A 200 0.57 0.54 15.11
C LEU A 200 1.76 -0.33 15.51
N LYS A 201 1.60 -1.62 15.38
CA LYS A 201 2.65 -2.54 15.77
C LYS A 201 3.20 -3.10 14.48
N ILE A 202 4.48 -2.75 14.23
CA ILE A 202 5.15 -3.04 12.97
C ILE A 202 5.22 -4.55 12.75
N ASP A 203 4.97 -4.99 11.51
CA ASP A 203 5.12 -6.40 11.17
C ASP A 203 6.56 -6.81 11.43
N GLY A 204 6.74 -8.04 11.95
CA GLY A 204 8.06 -8.51 12.34
C GLY A 204 9.01 -8.68 11.15
N SER A 205 8.44 -8.98 9.98
CA SER A 205 9.25 -9.20 8.78
C SER A 205 10.16 -7.99 8.53
N PHE A 206 9.63 -6.76 8.70
CA PHE A 206 10.40 -5.55 8.49
C PHE A 206 11.46 -5.33 9.55
N VAL A 207 11.24 -5.76 10.80
CA VAL A 207 12.17 -5.43 11.87
C VAL A 207 13.39 -6.35 11.82
N LYS A 208 13.17 -7.63 11.46
CA LYS A 208 14.21 -8.63 11.49
C LYS A 208 15.38 -8.17 10.62
N ASP A 209 15.08 -7.66 9.42
CA ASP A 209 16.09 -7.41 8.40
C ASP A 209 16.32 -5.91 8.16
N MET A 210 15.86 -5.04 9.06
CA MET A 210 15.98 -3.60 8.83
C MET A 210 17.44 -3.10 8.83
N LEU A 211 18.38 -3.90 9.36
CA LEU A 211 19.77 -3.44 9.45
C LEU A 211 20.52 -3.78 8.18
N GLU A 212 20.05 -4.81 7.45
CA GLU A 212 20.71 -5.30 6.24
C GLU A 212 20.03 -4.79 4.97
N ASP A 213 18.70 -4.70 4.98
CA ASP A 213 17.90 -4.45 3.78
C ASP A 213 17.27 -3.07 3.84
N PRO A 214 17.64 -2.12 2.96
CA PRO A 214 17.15 -0.74 3.05
C PRO A 214 15.65 -0.53 2.81
N ILE A 215 14.97 -1.53 2.26
CA ILE A 215 13.51 -1.44 2.09
C ILE A 215 12.84 -1.63 3.45
N ASP A 216 13.32 -2.60 4.22
CA ASP A 216 12.81 -2.88 5.56
C ASP A 216 13.01 -1.67 6.46
N ARG A 217 14.19 -1.10 6.44
CA ARG A 217 14.43 0.14 7.17
C ARG A 217 13.44 1.22 6.72
N ALA A 218 13.27 1.40 5.41
CA ALA A 218 12.44 2.48 4.91
C ALA A 218 11.00 2.30 5.41
N MET A 219 10.54 1.06 5.44
CA MET A 219 9.19 0.76 5.86
C MET A 219 8.99 1.13 7.33
N VAL A 220 10.04 0.91 8.13
CA VAL A 220 9.99 1.25 9.54
C VAL A 220 9.91 2.77 9.69
N GLN A 221 10.67 3.52 8.88
CA GLN A 221 10.61 4.97 8.94
C GLN A 221 9.24 5.46 8.54
N VAL A 222 8.65 4.84 7.52
CA VAL A 222 7.35 5.20 7.01
C VAL A 222 6.32 5.06 8.13
N ILE A 223 6.40 3.92 8.83
CA ILE A 223 5.42 3.64 9.87
C ILE A 223 5.58 4.67 11.00
N ASN A 224 6.83 4.91 11.39
CA ASN A 224 7.13 5.96 12.35
C ASN A 224 6.46 7.26 11.92
N HIS A 225 6.54 7.58 10.61
CA HIS A 225 6.01 8.83 10.06
C HIS A 225 4.48 8.86 10.13
N ILE A 226 3.80 7.77 9.79
CA ILE A 226 2.36 7.68 9.95
C ILE A 226 1.98 7.91 11.42
N GLY A 227 2.73 7.30 12.35
CA GLY A 227 2.52 7.55 13.76
C GLY A 227 2.57 9.04 14.14
N HIS A 228 3.64 9.72 13.76
CA HIS A 228 3.78 11.15 13.99
C HIS A 228 2.58 11.92 13.42
N VAL A 229 2.21 11.64 12.18
CA VAL A 229 1.20 12.45 11.53
C VAL A 229 -0.17 12.16 12.15
N MET A 230 -0.37 10.95 12.67
CA MET A 230 -1.72 10.64 13.11
C MET A 230 -1.83 10.55 14.63
N GLY A 231 -0.85 11.09 15.36
CA GLY A 231 -0.79 10.95 16.82
C GLY A 231 -1.03 9.50 17.29
N LYS A 232 -0.34 8.54 16.66
CA LYS A 232 -0.34 7.14 17.04
C LYS A 232 1.04 6.73 17.56
N ARG A 233 1.04 5.77 18.47
CA ARG A 233 2.29 5.30 19.05
C ARG A 233 2.67 4.02 18.30
N THR A 234 3.96 3.71 18.27
CA THR A 234 4.39 2.55 17.51
C THR A 234 5.11 1.54 18.40
N ILE A 235 4.98 0.28 17.96
CA ILE A 235 5.60 -0.84 18.63
C ILE A 235 6.30 -1.69 17.58
N ALA A 236 7.53 -2.11 17.87
CA ALA A 236 8.20 -3.09 17.04
C ALA A 236 8.10 -4.48 17.67
N GLU A 237 7.61 -5.42 16.87
CA GLU A 237 7.63 -6.84 17.19
C GLU A 237 8.91 -7.46 16.65
N PHE A 238 9.25 -8.66 17.13
CA PHE A 238 10.36 -9.47 16.62
C PHE A 238 11.70 -8.72 16.76
N VAL A 239 11.93 -8.03 17.89
CA VAL A 239 13.18 -7.33 18.11
C VAL A 239 14.16 -8.32 18.73
N GLU A 240 15.08 -8.87 17.93
CA GLU A 240 15.80 -10.09 18.28
C GLU A 240 17.22 -9.77 18.75
N THR A 241 17.68 -8.53 18.62
CA THR A 241 19.00 -8.13 19.10
C THR A 241 18.92 -6.70 19.61
N VAL A 242 19.93 -6.30 20.38
CA VAL A 242 19.97 -4.96 20.95
C VAL A 242 20.31 -3.93 19.87
N GLU A 243 21.07 -4.32 18.85
CA GLU A 243 21.41 -3.40 17.77
C GLU A 243 20.11 -2.99 17.04
N VAL A 244 19.21 -3.95 16.78
CA VAL A 244 17.96 -3.62 16.13
C VAL A 244 17.14 -2.72 17.04
N MET A 245 17.21 -2.96 18.36
CA MET A 245 16.47 -2.15 19.31
C MET A 245 16.93 -0.71 19.22
N GLU A 246 18.24 -0.53 19.11
CA GLU A 246 18.85 0.79 19.11
C GLU A 246 18.44 1.57 17.86
N ALA A 247 18.47 0.87 16.72
CA ALA A 247 18.06 1.50 15.46
C ALA A 247 16.59 1.95 15.54
N LEU A 248 15.72 1.14 16.19
CA LEU A 248 14.30 1.50 16.30
C LEU A 248 14.16 2.74 17.19
N ARG A 249 15.00 2.79 18.25
CA ARG A 249 14.97 3.91 19.16
C ARG A 249 15.34 5.19 18.40
N GLU A 250 16.38 5.13 17.56
CA GLU A 250 16.88 6.31 16.88
C GLU A 250 15.81 6.87 15.94
N ILE A 251 15.16 6.00 15.17
CA ILE A 251 14.04 6.34 14.32
C ILE A 251 12.90 7.02 15.10
N GLY A 252 12.65 6.58 16.35
CA GLY A 252 11.60 7.18 17.19
C GLY A 252 10.44 6.22 17.50
N ILE A 253 10.62 4.93 17.21
CA ILE A 253 9.67 3.89 17.56
C ILE A 253 9.46 3.86 19.08
N ASP A 254 8.21 3.73 19.54
CA ASP A 254 7.86 3.98 20.93
C ASP A 254 8.15 2.80 21.86
N TYR A 255 8.03 1.58 21.35
CA TYR A 255 8.03 0.39 22.17
C TYR A 255 8.63 -0.77 21.39
N ALA A 256 9.24 -1.71 22.11
CA ALA A 256 9.84 -2.89 21.50
C ALA A 256 9.40 -4.15 22.25
N GLN A 257 9.35 -5.24 21.48
CA GLN A 257 8.94 -6.55 21.96
C GLN A 257 9.74 -7.60 21.19
N GLY A 258 10.23 -8.61 21.93
CA GLY A 258 10.80 -9.81 21.36
C GLY A 258 11.98 -10.36 22.16
N LEU A 259 12.74 -11.25 21.53
CA LEU A 259 13.72 -12.08 22.20
C LEU A 259 14.73 -11.21 22.93
N ALA A 260 15.06 -10.02 22.39
CA ALA A 260 16.10 -9.23 23.04
C ALA A 260 15.55 -8.45 24.23
N ILE A 261 14.22 -8.38 24.34
CA ILE A 261 13.54 -7.55 25.33
C ILE A 261 13.14 -8.37 26.56
N GLY A 262 12.42 -9.48 26.34
CA GLY A 262 12.13 -10.44 27.38
C GLY A 262 11.16 -11.52 26.92
N ALA A 263 11.31 -12.72 27.46
CA ALA A 263 10.56 -13.90 27.03
C ALA A 263 9.10 -13.79 27.43
N PRO A 264 8.17 -14.44 26.70
CA PRO A 264 6.81 -14.64 27.21
C PRO A 264 6.82 -15.43 28.53
N LEU A 265 6.05 -14.97 29.51
CA LEU A 265 6.00 -15.61 30.82
C LEU A 265 4.60 -16.18 31.02
N PRO A 266 4.45 -17.33 31.73
CA PRO A 266 3.12 -17.82 32.11
C PRO A 266 2.29 -16.68 32.74
N PHE A 267 1.03 -16.61 32.30
CA PHE A 267 0.11 -15.60 32.79
C PHE A 267 -1.08 -16.28 33.47
N SER A 268 -1.87 -17.07 32.72
CA SER A 268 -2.95 -17.87 33.31
C SER A 268 -2.37 -18.98 34.18
N ARG A 269 -2.99 -19.26 35.34
CA ARG A 269 -2.52 -20.28 36.27
C ARG A 269 -2.67 -21.69 35.67
N GLY B 18 -22.40 0.38 -29.27
CA GLY B 18 -22.63 -0.08 -30.66
C GLY B 18 -22.07 -1.48 -30.94
N SER B 19 -22.21 -1.94 -32.19
CA SER B 19 -21.74 -3.27 -32.59
C SER B 19 -20.22 -3.29 -32.85
N HIS B 20 -19.71 -4.50 -33.03
CA HIS B 20 -18.32 -4.74 -33.40
C HIS B 20 -18.02 -3.97 -34.68
N MET B 21 -18.85 -4.16 -35.71
CA MET B 21 -18.52 -3.56 -37.00
C MET B 21 -18.63 -2.05 -36.88
N THR B 22 -19.62 -1.56 -36.12
CA THR B 22 -19.77 -0.13 -35.93
C THR B 22 -18.46 0.43 -35.38
N TRP B 23 -17.89 -0.21 -34.36
CA TRP B 23 -16.70 0.36 -33.74
C TRP B 23 -15.46 0.18 -34.60
N VAL B 24 -15.42 -0.90 -35.39
CA VAL B 24 -14.32 -1.02 -36.33
C VAL B 24 -14.32 0.14 -37.31
N GLN B 25 -15.48 0.41 -37.92
CA GLN B 25 -15.64 1.53 -38.84
C GLN B 25 -15.26 2.85 -38.19
N ARG B 26 -15.79 3.12 -37.01
CA ARG B 26 -15.57 4.41 -36.37
C ARG B 26 -14.09 4.65 -36.12
N ILE B 27 -13.37 3.65 -35.63
CA ILE B 27 -11.97 3.85 -35.29
C ILE B 27 -11.19 4.04 -36.58
N HIS B 28 -11.47 3.21 -37.58
CA HIS B 28 -10.82 3.33 -38.87
C HIS B 28 -11.10 4.68 -39.50
N LEU B 29 -12.35 5.15 -39.45
CA LEU B 29 -12.70 6.39 -40.10
C LEU B 29 -11.98 7.55 -39.40
N ALA B 30 -11.91 7.50 -38.08
CA ALA B 30 -11.23 8.55 -37.33
C ALA B 30 -9.75 8.56 -37.68
N LEU B 31 -9.14 7.39 -37.88
CA LEU B 31 -7.76 7.33 -38.31
C LEU B 31 -7.63 7.95 -39.70
N GLU B 32 -8.58 7.62 -40.58
CA GLU B 32 -8.53 8.02 -41.98
C GLU B 32 -8.69 9.54 -42.12
N GLU B 33 -9.55 10.15 -41.29
CA GLU B 33 -9.86 11.58 -41.40
C GLU B 33 -8.93 12.41 -40.52
N ASP B 34 -7.90 11.78 -39.90
CA ASP B 34 -6.97 12.51 -39.05
C ASP B 34 -7.68 13.13 -37.86
N ARG B 35 -8.63 12.44 -37.23
CA ARG B 35 -9.39 13.02 -36.14
C ARG B 35 -8.85 12.55 -34.79
N PHE B 36 -7.81 11.71 -34.80
CA PHE B 36 -6.98 11.50 -33.62
C PHE B 36 -5.82 12.47 -33.69
N SER B 37 -5.39 12.99 -32.54
CA SER B 37 -4.30 13.98 -32.48
C SER B 37 -3.55 13.87 -31.17
N LEU B 38 -2.28 14.30 -31.18
CA LEU B 38 -1.46 14.27 -29.98
C LEU B 38 -1.17 15.71 -29.50
N TYR B 39 -1.30 15.88 -28.19
CA TYR B 39 -0.87 17.10 -27.51
C TYR B 39 0.28 16.72 -26.57
N ALA B 40 1.06 17.71 -26.16
CA ALA B 40 2.21 17.44 -25.32
C ALA B 40 2.07 18.32 -24.08
N GLN B 41 2.08 17.70 -22.92
CA GLN B 41 2.01 18.46 -21.70
C GLN B 41 3.38 18.48 -21.02
N PRO B 42 3.93 19.66 -20.70
CA PRO B 42 5.24 19.76 -20.07
C PRO B 42 5.28 19.25 -18.65
N ILE B 43 6.43 18.68 -18.32
CA ILE B 43 6.75 18.15 -17.00
C ILE B 43 8.04 18.79 -16.56
N VAL B 44 8.00 19.55 -15.45
CA VAL B 44 9.11 20.40 -15.08
C VAL B 44 9.91 19.71 -14.00
N PRO B 45 11.27 19.75 -14.04
CA PRO B 45 12.08 19.32 -12.91
C PRO B 45 11.84 20.25 -11.71
N LEU B 46 11.93 19.70 -10.49
CA LEU B 46 11.74 20.49 -9.29
C LEU B 46 13.07 20.67 -8.58
N GLY B 47 14.09 19.91 -8.98
CA GLY B 47 15.36 19.89 -8.27
C GLY B 47 16.49 20.41 -9.13
N GLU B 48 17.71 20.26 -8.60
CA GLU B 48 18.92 20.82 -9.19
C GLU B 48 19.50 19.86 -10.24
N GLY B 49 20.22 20.45 -11.20
CA GLY B 49 20.67 19.79 -12.42
C GLY B 49 20.09 20.49 -13.65
N ALA B 50 20.94 20.68 -14.67
CA ALA B 50 20.55 21.23 -15.96
C ALA B 50 20.55 20.13 -17.03
N GLU B 51 20.79 18.88 -16.59
CA GLU B 51 20.80 17.69 -17.42
C GLU B 51 19.42 17.51 -18.06
N GLU B 52 19.39 17.20 -19.36
CA GLU B 52 18.17 16.84 -20.09
C GLU B 52 17.38 18.10 -20.45
N GLY B 53 16.93 18.15 -21.70
CA GLY B 53 16.04 19.23 -22.14
C GLY B 53 14.60 18.96 -21.74
N LEU B 54 13.67 19.51 -22.54
CA LEU B 54 12.23 19.52 -22.27
C LEU B 54 11.67 18.10 -22.10
N HIS B 55 10.92 17.92 -21.00
CA HIS B 55 10.24 16.67 -20.66
C HIS B 55 8.76 16.88 -20.97
N VAL B 56 8.12 15.99 -21.73
CA VAL B 56 6.71 16.11 -21.98
C VAL B 56 6.06 14.73 -21.89
N GLU B 57 4.75 14.76 -21.69
CA GLU B 57 3.90 13.60 -21.81
C GLU B 57 2.92 13.86 -22.94
N LEU B 58 2.78 12.87 -23.84
CA LEU B 58 1.88 12.99 -24.97
C LEU B 58 0.51 12.53 -24.50
N LEU B 59 -0.51 13.26 -24.97
CA LEU B 59 -1.90 13.03 -24.61
C LEU B 59 -2.66 12.83 -25.91
N LEU B 60 -3.52 11.81 -25.96
CA LEU B 60 -4.31 11.50 -27.12
C LEU B 60 -5.61 12.26 -27.03
N ARG B 61 -6.04 12.85 -28.16
CA ARG B 61 -7.38 13.39 -28.23
C ARG B 61 -8.09 12.82 -29.46
N LEU B 62 -9.41 12.61 -29.31
CA LEU B 62 -10.24 12.26 -30.46
C LEU B 62 -11.35 13.30 -30.64
N ARG B 63 -11.52 13.79 -31.84
CA ARG B 63 -12.64 14.63 -32.22
C ARG B 63 -13.58 13.85 -33.13
N ASP B 64 -14.88 14.07 -32.96
CA ASP B 64 -15.92 13.42 -33.74
C ASP B 64 -16.13 14.21 -35.05
N GLU B 65 -17.10 13.74 -35.84
CA GLU B 65 -17.33 14.26 -37.18
C GLU B 65 -17.78 15.72 -37.12
N GLY B 66 -18.41 16.13 -36.02
CA GLY B 66 -18.84 17.52 -35.87
C GLY B 66 -17.85 18.38 -35.09
N GLY B 67 -16.62 17.88 -34.87
CA GLY B 67 -15.53 18.66 -34.32
C GLY B 67 -15.44 18.69 -32.79
N ARG B 68 -16.33 17.97 -32.06
CA ARG B 68 -16.29 17.97 -30.60
C ARG B 68 -15.37 16.87 -30.07
N LEU B 69 -14.63 17.18 -29.00
CA LEU B 69 -13.83 16.19 -28.32
C LEU B 69 -14.71 15.03 -27.83
N VAL B 70 -14.17 13.81 -27.95
CA VAL B 70 -14.79 12.61 -27.44
C VAL B 70 -14.00 12.20 -26.20
N PRO B 71 -14.64 12.23 -25.01
CA PRO B 71 -13.92 11.91 -23.78
C PRO B 71 -13.45 10.45 -23.80
N PRO B 72 -12.30 10.13 -23.16
CA PRO B 72 -11.77 8.77 -23.16
C PRO B 72 -12.85 7.71 -22.94
N LEU B 73 -13.71 7.92 -21.94
CA LEU B 73 -14.65 6.89 -21.54
C LEU B 73 -15.71 6.65 -22.63
N SER B 74 -15.79 7.53 -23.63
CA SER B 74 -16.72 7.29 -24.73
C SER B 74 -16.08 6.51 -25.88
N PHE B 75 -14.77 6.17 -25.83
CA PHE B 75 -14.24 5.33 -26.91
C PHE B 75 -13.24 4.28 -26.46
N ILE B 76 -12.41 4.56 -25.44
CA ILE B 76 -11.44 3.57 -24.99
C ILE B 76 -12.15 2.26 -24.63
N PRO B 77 -13.20 2.22 -23.79
CA PRO B 77 -13.84 0.93 -23.48
C PRO B 77 -14.28 0.10 -24.68
N ALA B 78 -14.75 0.73 -25.75
CA ALA B 78 -15.18 -0.02 -26.92
C ALA B 78 -13.95 -0.53 -27.66
N ALA B 79 -12.92 0.29 -27.74
CA ALA B 79 -11.71 -0.14 -28.42
C ALA B 79 -11.11 -1.36 -27.70
N GLU B 80 -10.99 -1.29 -26.38
CA GLU B 80 -10.48 -2.39 -25.56
C GLU B 80 -11.26 -3.68 -25.77
N ARG B 81 -12.59 -3.54 -25.72
CA ARG B 81 -13.54 -4.64 -25.87
C ARG B 81 -13.37 -5.37 -27.23
N TYR B 82 -13.00 -4.66 -28.30
CA TYR B 82 -12.85 -5.25 -29.62
C TYR B 82 -11.39 -5.37 -30.07
N GLY B 83 -10.44 -5.18 -29.15
CA GLY B 83 -9.04 -5.41 -29.45
C GLY B 83 -8.47 -4.44 -30.49
N LEU B 84 -8.93 -3.18 -30.43
CA LEU B 84 -8.49 -2.14 -31.35
C LEU B 84 -7.42 -1.28 -30.70
N MET B 85 -7.13 -1.47 -29.41
CA MET B 85 -6.27 -0.57 -28.67
C MET B 85 -4.82 -0.72 -29.11
N THR B 86 -4.42 -1.94 -29.52
CA THR B 86 -3.05 -2.05 -30.01
C THR B 86 -2.87 -1.20 -31.28
N LEU B 87 -3.93 -1.09 -32.11
CA LEU B 87 -3.88 -0.33 -33.34
C LEU B 87 -3.81 1.17 -33.03
N ILE B 88 -4.55 1.63 -32.03
CA ILE B 88 -4.50 3.03 -31.66
C ILE B 88 -3.14 3.37 -31.07
N ASP B 89 -2.57 2.46 -30.29
CA ASP B 89 -1.27 2.71 -29.71
C ASP B 89 -0.23 2.77 -30.81
N ARG B 90 -0.36 1.90 -31.84
CA ARG B 90 0.60 1.83 -32.94
C ARG B 90 0.58 3.16 -33.69
N TRP B 91 -0.60 3.70 -33.95
CA TRP B 91 -0.74 5.02 -34.51
C TRP B 91 -0.08 6.06 -33.59
N VAL B 92 -0.32 6.02 -32.28
CA VAL B 92 0.23 7.01 -31.36
C VAL B 92 1.76 7.03 -31.47
N VAL B 93 2.39 5.86 -31.47
CA VAL B 93 3.83 5.79 -31.34
C VAL B 93 4.47 6.24 -32.66
N GLU B 94 3.94 5.78 -33.78
CA GLU B 94 4.42 6.18 -35.09
C GLU B 94 4.30 7.70 -35.24
N ASN B 95 3.15 8.28 -34.93
CA ASN B 95 2.94 9.71 -35.09
C ASN B 95 3.81 10.50 -34.12
N ALA B 96 4.06 9.94 -32.93
CA ALA B 96 4.95 10.61 -31.99
C ALA B 96 6.37 10.66 -32.55
N PHE B 97 6.85 9.54 -33.07
CA PHE B 97 8.18 9.47 -33.64
C PHE B 97 8.33 10.44 -34.82
N ARG B 98 7.34 10.45 -35.71
CA ARG B 98 7.36 11.28 -36.90
C ARG B 98 7.42 12.75 -36.47
N THR B 99 6.68 13.11 -35.44
CA THR B 99 6.62 14.47 -34.97
C THR B 99 7.96 14.86 -34.33
N LEU B 100 8.58 13.93 -33.58
CA LEU B 100 9.88 14.19 -32.97
C LEU B 100 10.94 14.43 -34.04
N VAL B 101 10.82 13.74 -35.18
CA VAL B 101 11.80 13.93 -36.24
C VAL B 101 11.59 15.31 -36.85
N GLU B 102 10.35 15.67 -37.16
CA GLU B 102 10.03 16.96 -37.75
C GLU B 102 10.47 18.06 -36.78
N ARG B 103 10.27 17.84 -35.48
CA ARG B 103 10.71 18.83 -34.51
C ARG B 103 12.25 18.97 -34.50
N ALA B 104 12.97 17.84 -34.54
CA ALA B 104 14.44 17.87 -34.56
C ALA B 104 15.00 18.63 -35.76
N GLN B 105 14.26 18.63 -36.89
CA GLN B 105 14.66 19.32 -38.13
C GLN B 105 14.36 20.83 -38.04
N ASP B 106 13.71 21.27 -36.96
CA ASP B 106 13.31 22.66 -36.87
C ASP B 106 14.26 23.31 -35.87
N PRO B 107 15.17 24.20 -36.30
CA PRO B 107 16.24 24.70 -35.42
C PRO B 107 15.76 25.65 -34.33
N ARG B 108 14.50 26.10 -34.45
CA ARG B 108 13.84 27.03 -33.54
C ARG B 108 13.07 26.30 -32.43
N ALA B 109 12.60 25.06 -32.70
CA ALA B 109 11.85 24.28 -31.74
C ALA B 109 12.71 23.84 -30.57
N GLU B 110 12.11 23.86 -29.37
CA GLU B 110 12.75 23.42 -28.15
C GLU B 110 13.01 21.91 -28.19
N PRO B 111 14.29 21.46 -28.07
CA PRO B 111 14.61 20.02 -28.06
C PRO B 111 13.93 19.22 -26.96
N ILE B 112 13.49 17.98 -27.28
CA ILE B 112 12.81 17.13 -26.30
C ILE B 112 13.77 16.05 -25.81
N GLY B 113 14.01 16.02 -24.48
CA GLY B 113 14.87 15.00 -23.91
C GLY B 113 14.08 13.78 -23.45
N THR B 114 12.80 14.00 -23.14
CA THR B 114 11.97 12.94 -22.64
C THR B 114 10.57 13.11 -23.19
N CYS B 115 10.16 12.15 -24.00
CA CYS B 115 8.82 12.08 -24.53
C CYS B 115 8.15 10.83 -23.96
N ALA B 116 7.18 11.05 -23.08
CA ALA B 116 6.47 10.01 -22.38
C ALA B 116 5.26 9.64 -23.20
N ILE B 117 5.09 8.35 -23.46
CA ILE B 117 3.99 7.82 -24.25
C ILE B 117 3.28 6.75 -23.43
N ASN B 118 1.99 6.94 -23.18
CA ASN B 118 1.17 5.96 -22.51
C ASN B 118 0.84 4.80 -23.45
N LEU B 119 0.81 3.57 -22.91
CA LEU B 119 0.42 2.36 -23.64
C LEU B 119 -0.69 1.60 -22.89
N SER B 120 -1.55 0.91 -23.64
CA SER B 120 -2.62 0.11 -23.08
C SER B 120 -2.08 -1.21 -22.55
N GLY B 121 -2.89 -1.86 -21.70
CA GLY B 121 -2.60 -3.21 -21.26
C GLY B 121 -2.54 -4.20 -22.43
N ALA B 122 -3.41 -4.02 -23.43
CA ALA B 122 -3.33 -4.85 -24.63
C ALA B 122 -1.92 -4.83 -25.20
N THR B 123 -1.28 -3.64 -25.24
CA THR B 123 0.03 -3.52 -25.89
C THR B 123 1.10 -4.23 -25.06
N ILE B 124 0.99 -4.23 -23.73
CA ILE B 124 2.01 -4.87 -22.92
C ILE B 124 1.99 -6.38 -23.16
N GLY B 125 0.82 -6.92 -23.54
CA GLY B 125 0.69 -8.33 -23.80
C GLY B 125 0.99 -8.74 -25.24
N ASP B 126 1.25 -7.77 -26.14
CA ASP B 126 1.36 -8.04 -27.56
C ASP B 126 2.83 -8.25 -27.95
N GLU B 127 3.22 -9.47 -28.34
N GLU B 127 3.18 -9.49 -28.33
CA GLU B 127 4.63 -9.72 -28.57
CA GLU B 127 4.55 -9.87 -28.66
C GLU B 127 5.05 -9.19 -29.94
C GLU B 127 5.02 -9.08 -29.88
N SER B 128 4.10 -8.81 -30.81
CA SER B 128 4.46 -8.12 -32.05
C SER B 128 4.82 -6.64 -31.83
N PHE B 129 4.63 -6.06 -30.63
CA PHE B 129 4.91 -4.63 -30.45
C PHE B 129 6.42 -4.39 -30.46
N LEU B 130 7.23 -5.28 -29.88
CA LEU B 130 8.66 -5.01 -29.82
C LEU B 130 9.22 -4.90 -31.25
N GLN B 131 8.69 -5.73 -32.16
CA GLN B 131 9.22 -5.78 -33.52
C GLN B 131 8.78 -4.51 -34.24
N PHE B 132 7.54 -4.10 -34.03
CA PHE B 132 7.04 -2.88 -34.64
C PHE B 132 7.88 -1.69 -34.19
N LEU B 133 8.31 -1.69 -32.94
CA LEU B 133 9.00 -0.54 -32.36
C LEU B 133 10.42 -0.50 -32.87
N THR B 134 11.07 -1.67 -32.89
CA THR B 134 12.39 -1.86 -33.50
C THR B 134 12.45 -1.27 -34.92
N GLU B 135 11.37 -1.45 -35.70
CA GLU B 135 11.24 -1.02 -37.08
C GLU B 135 11.09 0.49 -37.16
N LEU B 136 10.34 1.05 -36.20
CA LEU B 136 10.15 2.49 -36.10
C LEU B 136 11.49 3.13 -35.76
N PHE B 137 12.30 2.51 -34.88
CA PHE B 137 13.61 3.07 -34.54
C PHE B 137 14.52 3.05 -35.75
N ALA B 138 14.42 2.00 -36.56
CA ALA B 138 15.27 1.87 -37.74
C ALA B 138 14.87 2.98 -38.71
N ARG B 139 13.57 3.13 -38.96
CA ARG B 139 13.08 4.08 -39.94
C ARG B 139 13.27 5.53 -39.46
N TYR B 140 12.93 5.87 -38.21
CA TYR B 140 12.86 7.26 -37.78
C TYR B 140 14.14 7.68 -37.06
N ARG B 141 14.90 6.72 -36.52
CA ARG B 141 16.22 6.97 -35.97
C ARG B 141 16.16 8.00 -34.84
N ILE B 142 15.11 7.93 -34.04
CA ILE B 142 15.02 8.59 -32.75
C ILE B 142 15.99 7.88 -31.80
N PRO B 143 16.75 8.60 -30.94
CA PRO B 143 17.55 7.95 -29.90
C PRO B 143 16.62 7.32 -28.86
N PRO B 144 16.62 5.99 -28.70
CA PRO B 144 15.65 5.31 -27.82
C PRO B 144 15.51 5.90 -26.42
N GLN B 145 16.64 6.40 -25.89
CA GLN B 145 16.73 6.93 -24.54
C GLN B 145 15.80 8.16 -24.40
N THR B 146 15.36 8.77 -25.51
CA THR B 146 14.45 9.90 -25.55
C THR B 146 13.02 9.49 -25.17
N ILE B 147 12.71 8.20 -25.35
CA ILE B 147 11.34 7.71 -25.18
C ILE B 147 11.20 7.11 -23.78
N CYS B 148 10.12 7.47 -23.12
CA CYS B 148 9.68 6.87 -21.88
C CYS B 148 8.28 6.35 -22.12
N PHE B 149 8.11 5.03 -22.13
CA PHE B 149 6.78 4.45 -22.16
C PHE B 149 6.17 4.41 -20.75
N GLU B 150 4.84 4.56 -20.68
CA GLU B 150 4.13 4.77 -19.42
C GLU B 150 2.90 3.88 -19.42
N VAL B 151 2.77 3.07 -18.37
CA VAL B 151 1.54 2.30 -18.13
C VAL B 151 1.12 2.58 -16.69
N THR B 152 -0.19 2.48 -16.43
CA THR B 152 -0.69 2.62 -15.07
C THR B 152 -0.17 1.47 -14.19
N GLU B 153 0.01 1.76 -12.90
CA GLU B 153 0.35 0.74 -11.94
C GLU B 153 -0.69 -0.37 -12.00
N THR B 154 -1.97 0.02 -12.07
CA THR B 154 -3.01 -0.99 -12.06
C THR B 154 -2.75 -2.03 -13.14
N VAL B 155 -2.53 -1.54 -14.37
CA VAL B 155 -2.42 -2.40 -15.53
C VAL B 155 -1.15 -3.26 -15.48
N ALA B 156 -0.06 -2.67 -14.97
CA ALA B 156 1.19 -3.38 -14.82
C ALA B 156 1.05 -4.53 -13.82
N VAL B 157 0.43 -4.23 -12.68
CA VAL B 157 0.33 -5.19 -11.58
C VAL B 157 -0.70 -6.26 -11.93
N ALA B 158 -1.76 -5.89 -12.65
CA ALA B 158 -2.75 -6.87 -13.06
C ALA B 158 -2.15 -7.96 -13.96
N ASN B 159 -0.92 -7.77 -14.46
CA ASN B 159 -0.34 -8.56 -15.53
C ASN B 159 1.17 -8.60 -15.32
N LEU B 160 1.59 -8.95 -14.12
CA LEU B 160 2.90 -8.61 -13.60
C LEU B 160 4.04 -9.30 -14.36
N ALA B 161 3.97 -10.62 -14.52
CA ALA B 161 5.02 -11.33 -15.21
C ALA B 161 5.14 -10.75 -16.62
N SER B 162 3.99 -10.39 -17.22
CA SER B 162 3.94 -9.89 -18.58
C SER B 162 4.59 -8.50 -18.61
N ALA B 163 4.27 -7.64 -17.63
CA ALA B 163 4.87 -6.31 -17.57
C ALA B 163 6.38 -6.37 -17.39
N ILE B 164 6.86 -7.31 -16.57
CA ILE B 164 8.29 -7.42 -16.32
C ILE B 164 9.01 -7.72 -17.64
N ARG B 165 8.49 -8.69 -18.39
CA ARG B 165 9.07 -9.06 -19.68
C ARG B 165 9.08 -7.85 -20.61
N PHE B 166 7.94 -7.15 -20.67
CA PHE B 166 7.80 -6.02 -21.55
C PHE B 166 8.80 -4.93 -21.19
N ILE B 167 8.86 -4.58 -19.92
CA ILE B 167 9.68 -3.45 -19.52
C ILE B 167 11.16 -3.76 -19.78
N ASN B 168 11.58 -5.01 -19.55
CA ASN B 168 12.96 -5.38 -19.76
C ASN B 168 13.34 -5.37 -21.23
N GLU B 169 12.44 -5.80 -22.12
CA GLU B 169 12.73 -5.82 -23.54
C GLU B 169 12.91 -4.40 -24.06
N LEU B 170 11.96 -3.50 -23.71
CA LEU B 170 12.07 -2.08 -24.01
C LEU B 170 13.34 -1.44 -23.43
N LYS B 171 13.72 -1.85 -22.22
CA LYS B 171 14.91 -1.34 -21.58
C LYS B 171 16.14 -1.72 -22.38
N ASP B 172 16.16 -2.94 -22.95
CA ASP B 172 17.30 -3.39 -23.73
C ASP B 172 17.39 -2.57 -25.02
N THR B 173 16.24 -2.10 -25.53
CA THR B 173 16.19 -1.18 -26.66
C THR B 173 16.83 0.16 -26.30
N GLY B 174 16.78 0.55 -25.01
CA GLY B 174 17.35 1.80 -24.53
C GLY B 174 16.27 2.76 -24.02
N CYS B 175 15.00 2.36 -24.06
CA CYS B 175 13.90 3.21 -23.64
C CYS B 175 13.78 3.19 -22.12
N ARG B 176 13.15 4.25 -21.59
CA ARG B 176 12.87 4.37 -20.18
C ARG B 176 11.41 3.99 -19.95
N PHE B 177 11.04 3.88 -18.67
CA PHE B 177 9.70 3.43 -18.34
C PHE B 177 9.16 4.12 -17.08
N SER B 178 7.84 4.36 -17.05
CA SER B 178 7.16 5.03 -15.96
C SER B 178 5.88 4.27 -15.62
N LEU B 179 5.48 4.27 -14.33
CA LEU B 179 4.16 3.87 -13.90
C LEU B 179 3.37 5.10 -13.46
N ASP B 180 2.23 5.37 -14.13
CA ASP B 180 1.37 6.48 -13.71
C ASP B 180 0.19 5.96 -12.89
N ASP B 181 -0.70 6.89 -12.50
CA ASP B 181 -1.76 6.62 -11.55
C ASP B 181 -1.18 5.79 -10.42
N PHE B 182 -0.02 6.23 -9.91
CA PHE B 182 0.68 5.42 -8.96
C PHE B 182 -0.04 5.52 -7.61
N CYS B 183 -0.34 4.36 -7.03
CA CYS B 183 -1.02 4.23 -5.76
C CYS B 183 -2.51 4.61 -5.84
N ALA B 184 -3.10 4.65 -7.02
CA ALA B 184 -4.55 4.73 -7.13
C ALA B 184 -5.16 3.36 -6.80
N GLY B 185 -6.37 3.36 -6.25
CA GLY B 185 -7.04 2.11 -5.90
C GLY B 185 -6.32 1.24 -4.85
N MET B 186 -6.20 -0.06 -5.17
CA MET B 186 -6.00 -1.16 -4.24
C MET B 186 -4.60 -1.78 -4.43
N SER B 187 -3.58 -0.98 -4.13
CA SER B 187 -2.24 -1.25 -4.62
C SER B 187 -1.30 -1.61 -3.47
N SER B 188 -0.11 -2.12 -3.82
CA SER B 188 0.93 -2.48 -2.89
C SER B 188 2.31 -2.11 -3.45
N PHE B 189 3.20 -1.62 -2.58
CA PHE B 189 4.57 -1.33 -2.93
C PHE B 189 5.41 -2.56 -3.18
N ILE B 190 4.96 -3.76 -2.81
CA ILE B 190 5.84 -4.91 -2.97
C ILE B 190 6.17 -5.13 -4.45
N TYR B 191 5.17 -4.95 -5.33
CA TYR B 191 5.33 -5.23 -6.75
C TYR B 191 6.48 -4.41 -7.31
N LEU B 192 6.67 -3.21 -6.75
CA LEU B 192 7.61 -2.24 -7.30
C LEU B 192 9.04 -2.78 -7.32
N LYS B 193 9.38 -3.61 -6.34
CA LYS B 193 10.71 -4.21 -6.28
C LYS B 193 10.98 -5.07 -7.52
N HIS B 194 9.93 -5.52 -8.20
CA HIS B 194 10.02 -6.42 -9.34
C HIS B 194 9.80 -5.71 -10.70
N LEU B 195 9.33 -4.46 -10.68
CA LEU B 195 9.11 -3.69 -11.90
C LEU B 195 10.28 -2.71 -12.08
N PRO B 196 11.18 -2.94 -13.04
CA PRO B 196 12.38 -2.12 -13.16
C PRO B 196 12.08 -0.82 -13.90
N VAL B 197 11.08 -0.06 -13.43
CA VAL B 197 10.76 1.19 -14.08
C VAL B 197 11.71 2.27 -13.60
N ASP B 198 11.70 3.40 -14.30
CA ASP B 198 12.53 4.55 -13.94
C ASP B 198 11.76 5.60 -13.15
N TYR B 199 10.45 5.76 -13.40
CA TYR B 199 9.69 6.83 -12.79
C TYR B 199 8.38 6.31 -12.20
N LEU B 200 7.95 6.91 -11.08
CA LEU B 200 6.62 6.73 -10.54
C LEU B 200 5.94 8.07 -10.65
N LYS B 201 4.74 8.07 -11.21
CA LYS B 201 3.99 9.29 -11.32
C LYS B 201 2.80 9.14 -10.39
N ILE B 202 2.84 9.93 -9.30
CA ILE B 202 1.87 9.86 -8.22
C ILE B 202 0.49 10.22 -8.73
N ASP B 203 -0.52 9.47 -8.33
CA ASP B 203 -1.88 9.75 -8.75
C ASP B 203 -2.28 11.13 -8.22
N GLY B 204 -3.07 11.83 -9.04
CA GLY B 204 -3.49 13.18 -8.70
C GLY B 204 -4.44 13.25 -7.50
N SER B 205 -5.16 12.15 -7.20
CA SER B 205 -6.02 12.10 -6.05
C SER B 205 -5.27 12.55 -4.80
N PHE B 206 -4.00 12.19 -4.64
CA PHE B 206 -3.24 12.53 -3.44
C PHE B 206 -2.77 13.97 -3.46
N VAL B 207 -2.51 14.53 -4.64
CA VAL B 207 -1.82 15.80 -4.76
C VAL B 207 -2.80 16.95 -4.57
N LYS B 208 -4.02 16.78 -5.09
CA LYS B 208 -5.00 17.84 -5.23
C LYS B 208 -5.22 18.53 -3.88
N ASP B 209 -5.39 17.76 -2.80
CA ASP B 209 -5.76 18.32 -1.51
C ASP B 209 -4.62 18.26 -0.48
N MET B 210 -3.35 18.14 -0.92
CA MET B 210 -2.29 17.81 0.02
C MET B 210 -1.99 18.95 1.00
N LEU B 211 -2.48 20.16 0.71
CA LEU B 211 -2.17 21.32 1.54
C LEU B 211 -3.15 21.44 2.69
N GLU B 212 -4.36 20.86 2.50
CA GLU B 212 -5.43 20.88 3.49
C GLU B 212 -5.49 19.57 4.29
N ASP B 213 -5.17 18.44 3.64
CA ASP B 213 -5.35 17.13 4.23
C ASP B 213 -3.97 16.52 4.53
N PRO B 214 -3.56 16.46 5.82
CA PRO B 214 -2.22 15.95 6.13
C PRO B 214 -2.06 14.44 5.88
N ILE B 215 -3.15 13.72 5.65
CA ILE B 215 -3.07 12.31 5.33
C ILE B 215 -2.59 12.16 3.89
N ASP B 216 -3.19 12.96 3.00
CA ASP B 216 -2.79 12.99 1.61
C ASP B 216 -1.35 13.47 1.50
N ARG B 217 -0.99 14.55 2.20
N ARG B 217 -0.99 14.50 2.27
CA ARG B 217 0.40 14.98 2.25
CA ARG B 217 0.39 14.97 2.27
C ARG B 217 1.30 13.83 2.70
C ARG B 217 1.31 13.85 2.72
N ALA B 218 0.92 13.14 3.79
CA ALA B 218 1.78 12.09 4.34
C ALA B 218 2.00 11.03 3.28
N MET B 219 0.93 10.71 2.56
CA MET B 219 0.96 9.66 1.56
C MET B 219 1.87 10.04 0.40
N VAL B 220 1.91 11.34 0.05
CA VAL B 220 2.84 11.82 -0.97
C VAL B 220 4.28 11.64 -0.47
N GLN B 221 4.56 11.98 0.80
CA GLN B 221 5.90 11.89 1.34
C GLN B 221 6.34 10.42 1.35
N VAL B 222 5.42 9.54 1.76
CA VAL B 222 5.73 8.14 1.89
C VAL B 222 6.07 7.56 0.52
N ILE B 223 5.25 7.93 -0.48
CA ILE B 223 5.47 7.42 -1.84
C ILE B 223 6.82 7.89 -2.38
N ASN B 224 7.08 9.17 -2.19
CA ASN B 224 8.35 9.75 -2.56
C ASN B 224 9.47 8.98 -1.90
N HIS B 225 9.30 8.60 -0.63
CA HIS B 225 10.34 7.93 0.15
C HIS B 225 10.64 6.52 -0.38
N ILE B 226 9.58 5.74 -0.55
CA ILE B 226 9.76 4.35 -0.97
C ILE B 226 10.27 4.33 -2.40
N GLY B 227 9.72 5.19 -3.25
CA GLY B 227 10.20 5.33 -4.61
C GLY B 227 11.70 5.64 -4.67
N HIS B 228 12.18 6.65 -3.94
CA HIS B 228 13.60 6.97 -3.91
C HIS B 228 14.42 5.76 -3.46
N VAL B 229 13.99 5.09 -2.37
CA VAL B 229 14.78 4.01 -1.82
C VAL B 229 14.81 2.84 -2.80
N MET B 230 13.80 2.72 -3.65
CA MET B 230 13.80 1.65 -4.63
C MET B 230 14.39 2.07 -5.98
N GLY B 231 15.02 3.25 -6.07
CA GLY B 231 15.75 3.65 -7.27
C GLY B 231 14.94 4.43 -8.29
N LYS B 232 13.77 4.99 -7.93
CA LYS B 232 12.88 5.63 -8.88
C LYS B 232 12.90 7.14 -8.69
N ARG B 233 12.65 7.86 -9.77
CA ARG B 233 12.45 9.29 -9.70
C ARG B 233 10.94 9.48 -9.65
N THR B 234 10.49 10.57 -9.04
CA THR B 234 9.08 10.74 -8.85
C THR B 234 8.56 11.98 -9.58
N ILE B 235 7.31 11.85 -10.03
CA ILE B 235 6.58 12.89 -10.68
C ILE B 235 5.22 13.04 -9.99
N ALA B 236 4.84 14.28 -9.72
CA ALA B 236 3.49 14.58 -9.27
C ALA B 236 2.69 15.13 -10.44
N GLU B 237 1.52 14.52 -10.63
CA GLU B 237 0.51 14.93 -11.59
C GLU B 237 -0.48 15.84 -10.87
N PHE B 238 -1.28 16.59 -11.65
CA PHE B 238 -2.39 17.40 -11.14
C PHE B 238 -1.87 18.48 -10.17
N VAL B 239 -0.72 19.10 -10.43
CA VAL B 239 -0.20 20.19 -9.64
C VAL B 239 -0.84 21.49 -10.12
N GLU B 240 -1.80 22.02 -9.36
CA GLU B 240 -2.76 23.00 -9.88
C GLU B 240 -2.41 24.41 -9.42
N THR B 241 -1.54 24.54 -8.41
CA THR B 241 -1.13 25.85 -7.92
C THR B 241 0.36 25.82 -7.62
N VAL B 242 0.93 27.01 -7.47
CA VAL B 242 2.36 27.14 -7.30
C VAL B 242 2.72 26.73 -5.87
N GLU B 243 1.77 26.92 -4.93
CA GLU B 243 2.00 26.55 -3.54
C GLU B 243 2.14 25.02 -3.48
N VAL B 244 1.28 24.29 -4.21
CA VAL B 244 1.39 22.83 -4.25
C VAL B 244 2.73 22.42 -4.87
N MET B 245 3.19 23.19 -5.86
CA MET B 245 4.45 22.88 -6.53
C MET B 245 5.59 23.02 -5.51
N GLU B 246 5.53 24.06 -4.70
CA GLU B 246 6.58 24.36 -3.74
C GLU B 246 6.63 23.28 -2.67
N ALA B 247 5.45 22.85 -2.20
CA ALA B 247 5.38 21.80 -1.20
C ALA B 247 5.98 20.51 -1.76
N LEU B 248 5.76 20.22 -3.05
CA LEU B 248 6.30 18.99 -3.64
C LEU B 248 7.82 19.10 -3.75
N ARG B 249 8.31 20.30 -4.04
CA ARG B 249 9.74 20.55 -4.09
C ARG B 249 10.35 20.26 -2.72
N GLU B 250 9.73 20.77 -1.66
CA GLU B 250 10.31 20.69 -0.31
C GLU B 250 10.42 19.22 0.12
N ILE B 251 9.37 18.45 -0.12
CA ILE B 251 9.32 17.01 0.11
C ILE B 251 10.42 16.28 -0.65
N GLY B 252 10.82 16.75 -1.85
CA GLY B 252 11.85 16.13 -2.67
C GLY B 252 11.31 15.41 -3.92
N ILE B 253 10.04 15.64 -4.29
CA ILE B 253 9.48 15.15 -5.55
C ILE B 253 10.30 15.66 -6.72
N ASP B 254 10.59 14.82 -7.71
CA ASP B 254 11.57 15.15 -8.75
C ASP B 254 10.99 16.05 -9.85
N TYR B 255 9.70 15.88 -10.17
CA TYR B 255 9.06 16.53 -11.30
C TYR B 255 7.60 16.86 -10.99
N ALA B 256 7.10 17.95 -11.58
CA ALA B 256 5.71 18.32 -11.47
C ALA B 256 5.07 18.48 -12.86
N GLN B 257 3.77 18.23 -12.91
CA GLN B 257 2.96 18.30 -14.11
C GLN B 257 1.58 18.79 -13.67
N GLY B 258 1.00 19.72 -14.43
CA GLY B 258 -0.38 20.13 -14.34
C GLY B 258 -0.58 21.62 -14.64
N LEU B 259 -1.79 22.10 -14.32
CA LEU B 259 -2.25 23.43 -14.64
C LEU B 259 -1.27 24.52 -14.20
N ALA B 260 -0.55 24.37 -13.09
CA ALA B 260 0.34 25.46 -12.67
C ALA B 260 1.66 25.44 -13.44
N ILE B 261 1.95 24.31 -14.12
CA ILE B 261 3.23 24.08 -14.75
C ILE B 261 3.17 24.45 -16.25
N GLY B 262 2.12 24.01 -16.93
CA GLY B 262 1.90 24.31 -18.33
C GLY B 262 0.76 23.48 -18.90
N ALA B 263 -0.14 24.10 -19.67
CA ALA B 263 -1.22 23.38 -20.33
C ALA B 263 -0.65 22.52 -21.45
N PRO B 264 -1.40 21.47 -21.86
CA PRO B 264 -1.07 20.74 -23.09
C PRO B 264 -0.96 21.64 -24.33
N LEU B 265 0.05 21.39 -25.15
CA LEU B 265 0.30 22.11 -26.38
C LEU B 265 0.12 21.16 -27.57
N PRO B 266 -0.35 21.65 -28.75
CA PRO B 266 -0.39 20.83 -29.97
C PRO B 266 0.96 20.19 -30.23
N PHE B 267 0.95 18.91 -30.57
CA PHE B 267 2.22 18.24 -30.81
C PHE B 267 2.24 17.71 -32.25
N SER B 268 1.33 16.78 -32.59
CA SER B 268 1.21 16.28 -33.96
C SER B 268 0.70 17.40 -34.87
N ARG B 269 1.25 17.51 -36.09
CA ARG B 269 0.62 18.31 -37.14
C ARG B 269 -0.74 17.72 -37.50
C1 GOL C . -5.96 -16.09 19.29
O1 GOL C . -5.97 -15.82 20.68
C2 GOL C . -5.57 -14.83 18.57
O2 GOL C . -4.36 -15.07 17.89
C3 GOL C . -6.62 -14.25 17.64
O3 GOL C . -7.92 -14.74 17.92
C1 GOL D . 5.49 7.13 16.32
O1 GOL D . 6.67 6.41 15.99
C2 GOL D . 5.70 8.53 16.90
O2 GOL D . 4.82 8.78 18.00
C3 GOL D . 7.13 8.83 17.29
O3 GOL D . 7.71 9.76 16.36
C1 GOL E . -19.66 -5.98 15.39
O1 GOL E . -20.74 -5.54 16.21
C2 GOL E . -19.81 -5.56 13.94
O2 GOL E . -19.83 -6.72 13.11
C3 GOL E . -21.06 -4.72 13.69
O3 GOL E . -20.77 -3.33 13.77
C1 EDO F . -5.97 -30.16 18.22
O1 EDO F . -5.32 -30.43 16.99
C2 EDO F . -5.36 -30.87 19.38
O2 EDO F . -5.54 -30.23 20.63
C1 EDO G . -4.60 -13.74 22.18
O1 EDO G . -3.56 -14.49 21.67
C2 EDO G . -4.25 -12.96 23.36
O2 EDO G . -3.66 -11.75 23.02
C1 BME H . 1.95 2.38 3.76
C2 BME H . 1.51 1.54 4.93
O1 BME H . 2.58 1.59 2.76
S2 BME H . 2.98 1.07 5.87
MG MG I . -0.46 -9.27 18.25
C1 GOL J . -4.04 4.37 -24.70
O1 GOL J . -2.80 3.92 -24.19
C2 GOL J . -4.12 5.88 -24.70
O2 GOL J . -3.56 6.33 -23.47
C3 GOL J . -3.43 6.53 -25.89
O3 GOL J . -2.01 6.45 -25.88
C1 BME K . 1.26 1.13 -3.92
C2 BME K . 1.83 1.97 -2.85
O1 BME K . 0.75 1.95 -4.93
S2 BME K . 0.67 3.12 -2.06
C1 EDO L . -1.07 9.37 -25.63
O1 EDO L . -1.91 8.75 -24.66
C2 EDO L . 0.28 8.80 -25.62
O2 EDO L . 0.88 8.96 -24.40
C1 EDO M . -17.05 8.07 -32.86
O1 EDO M . -17.60 7.75 -31.59
C2 EDO M . -16.00 9.14 -32.76
O2 EDO M . -15.45 9.61 -34.01
MG MG N . 0.30 9.01 -18.39
#